data_7F2I
#
_entry.id   7F2I
#
_cell.length_a   32.689
_cell.length_b   60.724
_cell.length_c   40.444
_cell.angle_alpha   90.000
_cell.angle_beta   111.660
_cell.angle_gamma   90.000
#
_symmetry.space_group_name_H-M   'P 1 21 1'
#
loop_
_entity.id
_entity.type
_entity.pdbx_description
1 polymer 'Vacuolar-sorting receptor 1'
2 polymer 'Cruciferin 1 C-terminal peptide'
3 water water
#
loop_
_entity_poly.entity_id
_entity_poly.type
_entity_poly.pdbx_seq_one_letter_code
_entity_poly.pdbx_strand_id
1 'polypeptide(L)'
;GSRFVVEKNNLKVTSPDSIKGIYECAIGNFGVPQYGGTLVGTVVYPKSNQKACKSYSDFDISFKSKPGRLPTFVLIDRGD
CYFTLKAWIAQQAGAAAILVADSKAEPLITMDTPEEDKSDADYLQNITIPSALITKTLGDSIKSALSGGDMVNMKLDWTE
SVPHP
;
A
2 'polypeptide(L)' RVAAA B
#
# COMPACT_ATOMS: atom_id res chain seq x y z
N LYS A 8 -0.51 -8.82 11.82
CA LYS A 8 -0.44 -8.86 13.27
C LYS A 8 -0.18 -7.46 13.85
N ASN A 9 -0.33 -6.45 12.99
CA ASN A 9 -0.16 -5.05 13.34
C ASN A 9 -1.42 -4.30 12.98
N ASN A 10 -1.36 -2.98 13.07
CA ASN A 10 -2.49 -2.17 12.67
C ASN A 10 -2.00 -0.85 12.10
N LEU A 11 -2.94 0.04 11.81
CA LEU A 11 -2.67 1.31 11.17
C LEU A 11 -3.81 2.24 11.54
N LYS A 12 -3.60 3.54 11.34
CA LYS A 12 -4.58 4.54 11.74
C LYS A 12 -4.96 5.41 10.56
N VAL A 13 -6.19 5.30 10.08
CA VAL A 13 -6.72 6.29 9.17
C VAL A 13 -7.07 7.52 9.99
N THR A 14 -6.42 8.63 9.69
CA THR A 14 -6.61 9.84 10.49
C THR A 14 -7.64 10.79 9.91
N SER A 15 -8.03 10.60 8.65
CA SER A 15 -8.90 11.52 7.93
C SER A 15 -9.48 10.79 6.74
N PRO A 16 -10.72 11.11 6.33
CA PRO A 16 -11.66 12.06 6.94
C PRO A 16 -12.40 11.47 8.13
N ASP A 17 -13.25 12.25 8.80
CA ASP A 17 -13.98 11.74 9.96
C ASP A 17 -14.76 10.48 9.62
N SER A 18 -15.25 10.38 8.38
CA SER A 18 -16.18 9.30 8.06
C SER A 18 -15.56 7.93 8.28
N ILE A 19 -14.23 7.80 8.16
CA ILE A 19 -13.64 6.46 8.27
C ILE A 19 -12.44 6.40 9.21
N LYS A 20 -12.19 7.47 9.96
CA LYS A 20 -11.03 7.46 10.84
C LYS A 20 -11.13 6.31 11.83
N GLY A 21 -9.98 5.85 12.30
CA GLY A 21 -9.96 4.78 13.28
C GLY A 21 -8.77 3.88 13.08
N ILE A 22 -8.68 2.87 13.95
CA ILE A 22 -7.56 1.94 13.98
C ILE A 22 -7.99 0.64 13.33
N TYR A 23 -7.27 0.21 12.30
CA TYR A 23 -7.63 -0.94 11.49
C TYR A 23 -6.51 -1.97 11.51
N GLU A 24 -6.88 -3.23 11.58
CA GLU A 24 -5.92 -4.33 11.49
C GLU A 24 -5.27 -4.35 10.10
N CYS A 25 -4.08 -4.92 10.04
CA CYS A 25 -3.36 -5.09 8.78
C CYS A 25 -2.25 -6.09 9.00
N ALA A 26 -1.70 -6.59 7.90
CA ALA A 26 -0.68 -7.64 7.94
C ALA A 26 0.54 -7.13 7.19
N ILE A 27 1.64 -6.91 7.92
CA ILE A 27 2.82 -6.32 7.29
C ILE A 27 3.48 -7.33 6.37
N GLY A 28 3.89 -6.87 5.20
CA GLY A 28 4.54 -7.77 4.26
C GLY A 28 5.83 -8.33 4.83
N ASN A 29 6.08 -9.60 4.53
CA ASN A 29 7.27 -10.30 5.03
C ASN A 29 8.45 -10.13 4.06
N PHE A 30 8.82 -8.88 3.80
CA PHE A 30 9.98 -8.61 2.96
C PHE A 30 10.44 -7.17 3.13
N GLY A 31 11.76 -6.99 3.12
CA GLY A 31 12.40 -5.69 3.24
C GLY A 31 12.38 -5.09 4.64
N VAL A 32 13.48 -4.47 5.05
CA VAL A 32 13.56 -3.71 6.28
C VAL A 32 13.46 -2.23 5.92
N PRO A 33 12.50 -1.47 6.47
CA PRO A 33 12.33 -0.08 6.06
C PRO A 33 13.53 0.77 6.44
N GLN A 34 13.98 1.59 5.49
CA GLN A 34 15.23 2.33 5.65
C GLN A 34 15.13 3.39 6.72
N TYR A 35 14.03 4.16 6.73
CA TYR A 35 13.85 5.25 7.69
C TYR A 35 12.87 4.78 8.77
N GLY A 36 13.39 4.00 9.70
CA GLY A 36 12.53 3.39 10.72
C GLY A 36 11.82 4.44 11.54
N GLY A 37 10.65 4.04 12.06
CA GLY A 37 9.89 4.94 12.90
C GLY A 37 8.44 5.04 12.49
N THR A 38 7.87 6.23 12.66
CA THR A 38 6.46 6.48 12.37
C THR A 38 6.31 7.27 11.07
N LEU A 39 5.31 6.93 10.28
CA LEU A 39 5.14 7.45 8.93
C LEU A 39 3.70 7.90 8.73
N VAL A 40 3.51 9.16 8.36
CA VAL A 40 2.21 9.72 8.05
C VAL A 40 2.15 9.93 6.54
N GLY A 41 1.08 9.46 5.90
CA GLY A 41 0.93 9.63 4.48
C GLY A 41 -0.48 10.00 4.07
N THR A 42 -0.61 10.31 2.78
CA THR A 42 -1.89 10.50 2.11
C THR A 42 -2.08 9.34 1.13
N VAL A 43 -3.29 8.75 1.11
CA VAL A 43 -3.56 7.55 0.32
C VAL A 43 -4.02 7.94 -1.08
N VAL A 44 -3.41 7.35 -2.10
CA VAL A 44 -3.80 7.58 -3.48
C VAL A 44 -4.14 6.24 -4.13
N TYR A 45 -5.28 6.19 -4.83
CA TYR A 45 -5.67 5.02 -5.58
C TYR A 45 -5.46 5.27 -7.08
N PRO A 46 -4.51 4.62 -7.74
CA PRO A 46 -4.18 4.98 -9.13
C PRO A 46 -5.36 4.76 -10.10
N LYS A 47 -5.42 5.63 -11.10
CA LYS A 47 -6.47 5.59 -12.09
C LYS A 47 -6.24 4.52 -13.15
N SER A 48 -5.04 3.96 -13.24
CA SER A 48 -4.75 2.85 -14.15
C SER A 48 -3.75 1.94 -13.48
N ASN A 49 -3.58 0.73 -14.03
CA ASN A 49 -2.56 -0.20 -13.54
C ASN A 49 -2.73 -0.46 -12.03
N GLN A 50 -3.99 -0.60 -11.60
CA GLN A 50 -4.35 -0.70 -10.18
C GLN A 50 -3.77 -1.92 -9.48
N LYS A 51 -3.26 -2.91 -10.20
CA LYS A 51 -2.63 -4.07 -9.60
C LYS A 51 -1.12 -3.99 -9.62
N ALA A 52 -0.56 -2.94 -10.25
CA ALA A 52 0.87 -2.64 -10.18
C ALA A 52 1.69 -3.84 -10.61
N CYS A 53 1.29 -4.47 -11.71
CA CYS A 53 2.07 -5.55 -12.28
C CYS A 53 2.92 -5.09 -13.47
N LYS A 54 2.74 -3.84 -13.88
CA LYS A 54 3.56 -3.21 -14.91
C LYS A 54 4.08 -1.89 -14.36
N SER A 55 5.15 -1.39 -14.96
CA SER A 55 5.78 -0.20 -14.44
C SER A 55 4.87 1.01 -14.63
N TYR A 56 4.82 1.88 -13.62
CA TYR A 56 3.99 3.07 -13.73
C TYR A 56 4.56 4.10 -14.67
N SER A 57 5.82 3.92 -15.10
CA SER A 57 6.38 4.81 -16.11
C SER A 57 5.64 4.69 -17.44
N ASP A 58 5.31 3.45 -17.84
CA ASP A 58 4.58 3.26 -19.09
C ASP A 58 3.30 4.07 -19.14
N PHE A 59 2.72 4.37 -17.98
CA PHE A 59 1.48 5.13 -17.85
C PHE A 59 1.72 6.60 -17.58
N ASP A 60 2.99 7.02 -17.48
CA ASP A 60 3.35 8.37 -17.05
C ASP A 60 2.67 8.72 -15.72
N ILE A 61 2.76 7.80 -14.78
CA ILE A 61 2.14 7.97 -13.47
C ILE A 61 3.23 7.98 -12.42
N SER A 62 3.17 8.94 -11.51
CA SER A 62 4.14 9.04 -10.44
C SER A 62 3.45 9.41 -9.14
N PHE A 63 3.99 8.90 -8.04
CA PHE A 63 3.50 9.19 -6.70
C PHE A 63 4.46 10.06 -5.90
N LYS A 64 5.40 10.72 -6.57
CA LYS A 64 6.26 11.65 -5.86
C LYS A 64 5.43 12.78 -5.28
N SER A 65 5.64 13.07 -4.01
CA SER A 65 4.95 14.17 -3.36
C SER A 65 5.72 15.46 -3.56
N LYS A 66 4.99 16.57 -3.71
CA LYS A 66 5.62 17.86 -3.86
C LYS A 66 6.23 18.30 -2.54
N PRO A 67 7.25 19.15 -2.58
CA PRO A 67 7.89 19.62 -1.34
C PRO A 67 6.87 20.21 -0.37
N GLY A 68 6.90 19.72 0.87
CA GLY A 68 6.01 20.21 1.91
C GLY A 68 4.66 19.52 2.01
N ARG A 69 4.38 18.51 1.18
CA ARG A 69 3.13 17.77 1.25
C ARG A 69 3.40 16.34 1.71
N LEU A 70 2.34 15.69 2.17
CA LEU A 70 2.48 14.37 2.77
C LEU A 70 3.05 13.35 1.77
N PRO A 71 3.91 12.43 2.23
CA PRO A 71 4.30 11.29 1.40
C PRO A 71 3.11 10.48 0.94
N THR A 72 3.23 9.87 -0.23
CA THR A 72 2.11 9.16 -0.86
C THR A 72 2.13 7.68 -0.47
N PHE A 73 1.00 7.20 0.05
CA PHE A 73 0.74 5.78 0.27
C PHE A 73 -0.14 5.28 -0.87
N VAL A 74 0.37 4.37 -1.69
CA VAL A 74 -0.39 3.93 -2.87
C VAL A 74 -1.24 2.71 -2.50
N LEU A 75 -2.54 2.82 -2.74
CA LEU A 75 -3.47 1.69 -2.55
C LEU A 75 -3.46 0.84 -3.80
N ILE A 76 -3.19 -0.46 -3.66
CA ILE A 76 -2.95 -1.35 -4.79
C ILE A 76 -3.80 -2.61 -4.63
N ASP A 77 -4.44 -3.03 -5.72
CA ASP A 77 -5.28 -4.22 -5.64
C ASP A 77 -4.45 -5.47 -5.80
N ARG A 78 -4.80 -6.49 -5.01
CA ARG A 78 -4.22 -7.80 -5.13
C ARG A 78 -4.59 -8.44 -6.47
N GLY A 79 -3.64 -9.12 -7.09
CA GLY A 79 -3.93 -9.89 -8.30
C GLY A 79 -2.83 -9.91 -9.35
N ASP A 80 -2.75 -11.02 -10.09
CA ASP A 80 -1.99 -11.16 -11.34
C ASP A 80 -0.47 -11.15 -11.24
N CYS A 81 0.11 -10.59 -10.17
CA CYS A 81 1.56 -10.65 -9.98
C CYS A 81 1.88 -10.83 -8.51
N TYR A 82 3.14 -11.16 -8.24
CA TYR A 82 3.62 -11.31 -6.87
C TYR A 82 3.49 -10.02 -6.08
N PHE A 83 3.18 -10.16 -4.79
CA PHE A 83 3.20 -9.03 -3.86
C PHE A 83 4.51 -8.25 -3.93
N THR A 84 5.65 -8.97 -3.98
CA THR A 84 6.93 -8.27 -3.96
C THR A 84 7.09 -7.40 -5.20
N LEU A 85 6.53 -7.83 -6.34
CA LEU A 85 6.67 -7.04 -7.56
C LEU A 85 5.88 -5.73 -7.46
N LYS A 86 4.68 -5.79 -6.88
CA LYS A 86 3.86 -4.61 -6.63
C LYS A 86 4.60 -3.62 -5.73
N ALA A 87 5.23 -4.12 -4.67
CA ALA A 87 6.00 -3.23 -3.81
C ALA A 87 7.16 -2.62 -4.58
N TRP A 88 7.82 -3.43 -5.42
CA TRP A 88 8.94 -2.91 -6.21
C TRP A 88 8.45 -1.89 -7.22
N ILE A 89 7.33 -2.17 -7.88
CA ILE A 89 6.85 -1.28 -8.92
C ILE A 89 6.42 0.06 -8.32
N ALA A 90 5.68 0.01 -7.21
CA ALA A 90 5.20 1.23 -6.57
C ALA A 90 6.35 2.02 -5.98
N GLN A 91 7.33 1.32 -5.37
CA GLN A 91 8.56 1.98 -4.94
C GLN A 91 9.22 2.74 -6.08
N GLN A 92 9.34 2.10 -7.25
CA GLN A 92 9.97 2.76 -8.40
C GLN A 92 9.20 4.00 -8.83
N ALA A 93 7.87 4.00 -8.67
CA ALA A 93 7.08 5.19 -8.98
C ALA A 93 7.11 6.24 -7.89
N GLY A 94 7.82 5.97 -6.79
CA GLY A 94 8.01 6.96 -5.77
C GLY A 94 7.01 6.97 -4.63
N ALA A 95 6.22 5.91 -4.46
CA ALA A 95 5.36 5.84 -3.28
C ALA A 95 6.19 5.66 -2.02
N ALA A 96 5.71 6.23 -0.92
CA ALA A 96 6.40 6.05 0.35
C ALA A 96 5.98 4.78 1.08
N ALA A 97 4.87 4.16 0.66
CA ALA A 97 4.36 2.93 1.25
C ALA A 97 3.36 2.31 0.28
N ILE A 98 3.04 1.05 0.50
CA ILE A 98 2.05 0.37 -0.32
C ILE A 98 1.03 -0.35 0.57
N LEU A 99 -0.27 -0.16 0.29
CA LEU A 99 -1.37 -0.91 0.88
C LEU A 99 -2.02 -1.77 -0.21
N VAL A 100 -1.96 -3.08 -0.03
CA VAL A 100 -2.58 -4.04 -0.94
C VAL A 100 -3.95 -4.41 -0.38
N ALA A 101 -5.03 -3.92 -0.99
CA ALA A 101 -6.39 -4.35 -0.68
C ALA A 101 -6.60 -5.79 -1.10
N ASP A 102 -6.95 -6.65 -0.14
CA ASP A 102 -7.27 -8.03 -0.49
C ASP A 102 -8.40 -8.11 -1.52
N SER A 103 -8.36 -9.16 -2.34
CA SER A 103 -9.36 -9.30 -3.38
C SER A 103 -10.63 -9.99 -2.91
N LYS A 104 -10.54 -10.86 -1.91
CA LYS A 104 -11.71 -11.46 -1.31
C LYS A 104 -11.84 -10.98 0.13
N ALA A 105 -13.06 -10.99 0.62
CA ALA A 105 -13.31 -10.72 2.04
C ALA A 105 -13.01 -12.00 2.82
N GLU A 106 -12.00 -11.93 3.67
CA GLU A 106 -11.48 -13.11 4.35
C GLU A 106 -10.52 -12.61 5.41
N PRO A 107 -10.07 -13.43 6.35
CA PRO A 107 -9.07 -12.95 7.30
C PRO A 107 -7.77 -12.59 6.56
N LEU A 108 -6.93 -11.83 7.25
CA LEU A 108 -5.70 -11.35 6.62
C LEU A 108 -4.71 -12.48 6.41
N ILE A 109 -3.96 -12.39 5.34
CA ILE A 109 -2.82 -13.28 5.10
C ILE A 109 -1.56 -12.43 5.11
N THR A 110 -0.44 -13.10 5.33
CA THR A 110 0.87 -12.46 5.35
C THR A 110 1.48 -12.60 3.96
N MET A 111 1.76 -11.47 3.32
CA MET A 111 2.39 -11.49 1.99
C MET A 111 3.80 -12.03 2.11
N ASP A 112 4.10 -13.08 1.37
CA ASP A 112 5.37 -13.79 1.47
C ASP A 112 6.22 -13.51 0.23
N THR A 113 7.53 -13.78 0.37
CA THR A 113 8.44 -13.69 -0.76
C THR A 113 8.36 -14.95 -1.63
N PRO A 114 8.51 -14.80 -2.94
CA PRO A 114 8.63 -15.99 -3.79
C PRO A 114 10.06 -16.47 -3.87
N GLU A 115 10.31 -17.52 -4.64
CA GLU A 115 11.67 -17.98 -4.93
C GLU A 115 11.73 -18.42 -6.39
N GLU A 116 12.94 -18.51 -6.92
CA GLU A 116 13.11 -18.89 -8.32
C GLU A 116 14.50 -19.45 -8.59
N ASP A 122 18.83 -10.43 -7.22
CA ASP A 122 17.38 -10.25 -7.25
C ASP A 122 16.97 -8.94 -6.56
N TYR A 123 15.97 -8.27 -7.15
CA TYR A 123 15.45 -7.01 -6.63
C TYR A 123 14.88 -7.14 -5.22
N LEU A 124 14.64 -8.36 -4.72
CA LEU A 124 13.96 -8.55 -3.43
C LEU A 124 14.69 -7.81 -2.31
N GLN A 125 16.01 -7.96 -2.24
CA GLN A 125 16.81 -7.29 -1.22
C GLN A 125 16.86 -5.79 -1.41
N ASN A 126 16.30 -5.26 -2.50
CA ASN A 126 16.28 -3.82 -2.77
C ASN A 126 14.92 -3.18 -2.49
N ILE A 127 13.94 -3.93 -2.00
CA ILE A 127 12.65 -3.38 -1.62
C ILE A 127 12.76 -2.72 -0.25
N THR A 128 12.38 -1.44 -0.15
CA THR A 128 12.49 -0.67 1.09
C THR A 128 11.17 -0.14 1.64
N ILE A 129 10.17 0.13 0.81
CA ILE A 129 8.99 0.87 1.28
C ILE A 129 8.13 -0.04 2.16
N PRO A 130 7.54 0.49 3.22
CA PRO A 130 6.61 -0.31 4.04
C PRO A 130 5.48 -0.89 3.19
N SER A 131 5.15 -2.15 3.45
CA SER A 131 4.12 -2.89 2.72
C SER A 131 3.16 -3.52 3.71
N ALA A 132 1.88 -3.55 3.36
CA ALA A 132 0.88 -4.19 4.21
C ALA A 132 -0.32 -4.60 3.39
N LEU A 133 -0.90 -5.74 3.75
CA LEU A 133 -2.17 -6.19 3.21
C LEU A 133 -3.31 -5.75 4.12
N ILE A 134 -4.32 -5.09 3.54
CA ILE A 134 -5.51 -4.73 4.31
C ILE A 134 -6.70 -5.53 3.80
N THR A 135 -7.80 -5.52 4.57
CA THR A 135 -8.99 -6.25 4.15
C THR A 135 -9.67 -5.55 2.97
N LYS A 136 -10.47 -6.33 2.23
CA LYS A 136 -11.28 -5.78 1.14
C LYS A 136 -12.20 -4.67 1.64
N THR A 137 -12.81 -4.88 2.81
CA THR A 137 -13.72 -3.89 3.37
C THR A 137 -13.01 -2.54 3.56
N LEU A 138 -11.88 -2.54 4.26
CA LEU A 138 -11.17 -1.27 4.41
C LEU A 138 -10.70 -0.74 3.06
N GLY A 139 -10.21 -1.61 2.19
CA GLY A 139 -9.92 -1.19 0.83
C GLY A 139 -11.09 -0.48 0.15
N ASP A 140 -12.31 -1.04 0.30
CA ASP A 140 -13.47 -0.43 -0.33
C ASP A 140 -13.86 0.87 0.35
N SER A 141 -13.72 0.94 1.69
CA SER A 141 -14.00 2.18 2.40
C SER A 141 -13.07 3.31 1.94
N ILE A 142 -11.77 3.02 1.84
CA ILE A 142 -10.82 4.04 1.41
C ILE A 142 -11.18 4.55 0.02
N LYS A 143 -11.46 3.63 -0.91
CA LYS A 143 -11.74 4.02 -2.29
C LYS A 143 -12.98 4.89 -2.39
N SER A 144 -14.00 4.60 -1.57
CA SER A 144 -15.23 5.38 -1.59
C SER A 144 -15.02 6.75 -0.95
N ALA A 145 -14.26 6.83 0.14
CA ALA A 145 -13.89 8.14 0.68
C ALA A 145 -13.14 8.96 -0.36
N LEU A 146 -12.16 8.37 -1.05
CA LEU A 146 -11.45 9.09 -2.09
C LEU A 146 -12.40 9.46 -3.25
N SER A 147 -13.25 8.53 -3.67
CA SER A 147 -14.18 8.81 -4.78
C SER A 147 -15.03 10.04 -4.50
N GLY A 148 -15.42 10.24 -3.24
CA GLY A 148 -16.19 11.38 -2.79
C GLY A 148 -15.41 12.66 -2.55
N GLY A 149 -14.11 12.68 -2.81
CA GLY A 149 -13.36 13.92 -2.77
C GLY A 149 -12.55 14.14 -1.51
N ASP A 150 -12.76 13.34 -0.48
CA ASP A 150 -12.00 13.48 0.76
C ASP A 150 -10.63 12.84 0.60
N MET A 151 -9.59 13.57 0.97
CA MET A 151 -8.29 12.92 1.07
C MET A 151 -8.29 12.01 2.29
N VAL A 152 -7.62 10.86 2.16
CA VAL A 152 -7.56 9.85 3.20
C VAL A 152 -6.14 9.84 3.74
N ASN A 153 -5.96 10.31 4.97
CA ASN A 153 -4.65 10.34 5.59
C ASN A 153 -4.49 9.13 6.52
N MET A 154 -3.23 8.76 6.75
CA MET A 154 -2.99 7.51 7.45
C MET A 154 -1.63 7.56 8.13
N LYS A 155 -1.53 6.89 9.27
CA LYS A 155 -0.28 6.84 10.02
C LYS A 155 0.09 5.39 10.29
N LEU A 156 1.37 5.07 10.11
CA LEU A 156 1.88 3.72 10.31
C LEU A 156 2.93 3.77 11.40
N ASP A 157 2.80 2.87 12.38
CA ASP A 157 3.77 2.77 13.47
C ASP A 157 4.28 1.34 13.53
N TRP A 158 5.34 1.06 12.78
CA TRP A 158 5.92 -0.28 12.72
C TRP A 158 7.42 -0.25 13.05
N ARG B 1 -2.70 -17.31 7.09
CA ARG B 1 -1.78 -18.01 6.20
C ARG B 1 -0.81 -17.04 5.54
N VAL B 2 0.04 -17.55 4.66
CA VAL B 2 0.90 -16.71 3.83
C VAL B 2 0.65 -17.06 2.37
N ALA B 3 1.04 -16.14 1.50
CA ALA B 3 1.00 -16.40 0.07
C ALA B 3 1.89 -15.36 -0.61
N ALA B 4 2.35 -15.69 -1.82
CA ALA B 4 3.17 -14.80 -2.62
C ALA B 4 2.36 -13.93 -3.57
N ALA B 5 1.06 -14.18 -3.71
CA ALA B 5 0.18 -13.47 -4.65
C ALA B 5 -1.28 -13.71 -4.32
#